data_5D7C
#
_entry.id   5D7C
#
_cell.length_a   142.803
_cell.length_b   55.485
_cell.length_c   51.422
_cell.angle_alpha   90.000
_cell.angle_beta   100.770
_cell.angle_gamma   90.000
#
_symmetry.space_group_name_H-M   'C 1 2 1'
#
loop_
_entity.id
_entity.type
_entity.pdbx_description
1 polymer 'DNA gyrase subunit B'
2 non-polymer (4S)-2-METHYL-2,4-PENTANEDIOL
3 non-polymer 1-ethyl-3-[1-(pyridin-2-yl)-6-(pyridin-3-yl)-1H-pyrrolo[3,2-b]pyridin-3-yl]urea
4 non-polymer 'MAGNESIUM ION'
5 water water
#
_entity_poly.entity_id   1
_entity_poly.type   'polypeptide(L)'
_entity_poly.pdbx_seq_one_letter_code
;GSVTALSDVNNTDNYGAGQIQVLEGLEAVRKRPGMYIGSTSERGLHHLVWEIVDNSIDEALAGYANQIEVVIEKDNWIKV
TDNGRGIPVDIQEKMGRPAVEVILTSSVVNALSQDLEVYVHRNETIYHQAYKKGVPQFDLKEVGTTDKTGTVIRFKADGE
IFTETTVYNYETLQQRIRELAFLNKGIQITLRDERDEENVREDSYHYEGGIK
;
_entity_poly.pdbx_strand_id   A,B
#
# COMPACT_ATOMS: atom_id res chain seq x y z
N ALA A 17 2.66 -0.68 6.72
CA ALA A 17 3.17 -2.05 6.36
C ALA A 17 3.64 -2.07 4.92
N GLY A 18 2.96 -1.30 4.08
CA GLY A 18 3.36 -1.15 2.70
C GLY A 18 4.77 -0.58 2.51
N GLN A 19 5.09 0.58 3.12
CA GLN A 19 6.45 1.18 3.04
C GLN A 19 7.57 0.25 3.62
N ILE A 20 7.25 -0.36 4.74
CA ILE A 20 8.11 -1.41 5.28
C ILE A 20 8.34 -2.56 4.32
N GLN A 21 7.29 -3.05 3.70
CA GLN A 21 7.46 -4.18 2.81
CA GLN A 21 7.40 -4.14 2.71
C GLN A 21 8.34 -3.71 1.58
N VAL A 22 8.24 -2.42 1.19
CA VAL A 22 9.18 -1.81 0.14
C VAL A 22 10.64 -1.96 0.54
N LEU A 23 10.97 -1.45 1.72
CA LEU A 23 12.31 -1.50 2.18
C LEU A 23 12.88 -2.89 2.26
N GLU A 24 12.06 -3.85 2.66
CA GLU A 24 12.59 -5.21 2.78
C GLU A 24 12.88 -5.81 1.40
N GLY A 25 12.05 -5.41 0.45
CA GLY A 25 12.20 -5.89 -0.94
C GLY A 25 13.48 -5.33 -1.49
N LEU A 26 13.80 -4.08 -1.25
CA LEU A 26 15.06 -3.49 -1.75
C LEU A 26 16.22 -4.23 -1.15
N GLU A 27 16.21 -4.52 0.17
CA GLU A 27 17.24 -5.24 0.84
C GLU A 27 17.41 -6.63 0.19
N ALA A 28 16.32 -7.30 -0.13
CA ALA A 28 16.32 -8.70 -0.65
C ALA A 28 17.04 -8.65 -2.00
N VAL A 29 16.69 -7.68 -2.82
CA VAL A 29 17.28 -7.62 -4.21
C VAL A 29 18.78 -7.34 -4.11
N ARG A 30 19.16 -6.38 -3.31
CA ARG A 30 20.59 -6.00 -3.24
C ARG A 30 21.46 -7.04 -2.58
N LYS A 31 20.82 -7.89 -1.75
CA LYS A 31 21.60 -8.93 -1.12
C LYS A 31 21.89 -10.09 -2.06
N ARG A 32 20.99 -10.46 -2.96
CA ARG A 32 21.16 -11.58 -3.83
C ARG A 32 20.76 -11.22 -5.20
N PRO A 33 21.53 -10.22 -5.79
CA PRO A 33 21.02 -9.73 -7.08
C PRO A 33 20.95 -10.70 -8.25
N GLY A 34 21.88 -11.66 -8.31
CA GLY A 34 21.84 -12.64 -9.33
C GLY A 34 20.66 -13.52 -9.30
N MET A 35 20.01 -13.66 -8.11
CA MET A 35 18.81 -14.43 -8.11
C MET A 35 17.67 -13.70 -8.81
N TYR A 36 17.78 -12.36 -8.96
CA TYR A 36 16.82 -11.61 -9.61
C TYR A 36 17.06 -11.34 -11.06
N ILE A 37 18.35 -11.14 -11.45
CA ILE A 37 18.67 -10.81 -12.85
C ILE A 37 19.58 -11.76 -13.60
N GLY A 38 19.83 -12.89 -12.98
CA GLY A 38 20.58 -13.95 -13.55
C GLY A 38 22.03 -13.94 -13.18
N SER A 39 22.62 -12.73 -13.16
CA SER A 39 24.03 -12.56 -12.85
C SER A 39 24.33 -11.13 -12.66
N THR A 40 25.48 -10.83 -12.11
CA THR A 40 25.89 -9.46 -11.97
C THR A 40 27.11 -9.15 -12.97
N SER A 41 27.30 -10.00 -13.93
CA SER A 41 28.25 -9.82 -14.99
C SER A 41 27.70 -8.89 -16.06
N GLU A 42 28.46 -8.72 -17.12
CA GLU A 42 27.98 -7.96 -18.24
C GLU A 42 26.61 -8.36 -18.70
N ARG A 43 26.26 -9.63 -18.65
CA ARG A 43 24.94 -10.05 -19.06
CA ARG A 43 24.91 -10.03 -19.09
C ARG A 43 23.87 -9.47 -18.16
N GLY A 44 24.06 -9.47 -16.85
CA GLY A 44 23.12 -8.86 -15.94
C GLY A 44 22.99 -7.38 -16.08
N LEU A 45 24.13 -6.68 -16.38
CA LEU A 45 24.06 -5.24 -16.63
C LEU A 45 23.13 -4.94 -17.76
N HIS A 46 23.26 -5.69 -18.85
CA HIS A 46 22.39 -5.41 -20.02
C HIS A 46 20.95 -5.83 -19.73
N HIS A 47 20.74 -6.82 -18.90
CA HIS A 47 19.39 -7.19 -18.49
C HIS A 47 18.62 -6.06 -17.88
N LEU A 48 19.26 -5.12 -17.19
CA LEU A 48 18.63 -3.92 -16.66
C LEU A 48 17.84 -3.23 -17.79
N VAL A 49 18.50 -3.05 -18.91
CA VAL A 49 17.89 -2.34 -20.05
C VAL A 49 16.69 -3.11 -20.48
N TRP A 50 16.82 -4.41 -20.63
CA TRP A 50 15.70 -5.22 -21.12
C TRP A 50 14.46 -5.19 -20.26
N GLU A 51 14.69 -5.10 -19.01
CA GLU A 51 13.56 -5.04 -18.05
C GLU A 51 12.75 -3.74 -18.27
N ILE A 52 13.47 -2.63 -18.46
CA ILE A 52 12.78 -1.35 -18.66
C ILE A 52 12.07 -1.35 -19.98
N VAL A 53 12.76 -1.79 -21.06
CA VAL A 53 12.22 -1.75 -22.42
C VAL A 53 11.00 -2.65 -22.47
N ASP A 54 11.04 -3.82 -21.76
CA ASP A 54 9.83 -4.74 -21.81
C ASP A 54 8.58 -4.04 -21.33
N ASN A 55 8.66 -3.20 -20.36
CA ASN A 55 7.43 -2.51 -19.87
C ASN A 55 6.97 -1.51 -20.90
N SER A 56 7.90 -0.83 -21.61
CA SER A 56 7.48 0.07 -22.69
C SER A 56 6.79 -0.74 -23.80
N ILE A 57 7.38 -1.91 -24.13
CA ILE A 57 6.76 -2.80 -25.13
C ILE A 57 5.32 -3.18 -24.72
N ASP A 58 5.12 -3.42 -23.43
CA ASP A 58 3.70 -3.73 -22.99
C ASP A 58 2.77 -2.60 -23.24
N GLU A 59 3.24 -1.40 -22.99
CA GLU A 59 2.46 -0.22 -23.27
C GLU A 59 2.12 -0.07 -24.71
N ALA A 60 3.00 -0.46 -25.62
CA ALA A 60 2.69 -0.50 -27.07
C ALA A 60 1.79 -1.59 -27.40
N LEU A 61 1.94 -2.79 -26.85
CA LEU A 61 0.98 -3.86 -27.11
C LEU A 61 -0.36 -3.56 -26.61
N ALA A 62 -0.46 -2.79 -25.57
CA ALA A 62 -1.79 -2.27 -25.06
C ALA A 62 -2.43 -1.27 -25.96
N GLY A 63 -1.72 -0.73 -27.00
CA GLY A 63 -2.29 0.10 -27.95
C GLY A 63 -1.93 1.57 -27.81
N TYR A 64 -1.03 1.90 -26.87
CA TYR A 64 -0.83 3.32 -26.53
C TYR A 64 0.51 3.90 -27.04
N ALA A 65 1.59 3.19 -26.93
CA ALA A 65 2.91 3.65 -27.37
C ALA A 65 3.25 3.11 -28.71
N ASN A 66 4.03 3.85 -29.52
CA ASN A 66 4.65 3.34 -30.70
C ASN A 66 6.04 3.76 -30.94
N GLN A 67 6.70 4.41 -29.98
CA GLN A 67 8.07 4.83 -30.15
C GLN A 67 8.76 4.53 -28.82
N ILE A 68 9.93 3.93 -28.93
CA ILE A 68 10.79 3.66 -27.74
C ILE A 68 12.16 4.10 -28.11
N GLU A 69 12.85 4.82 -27.25
CA GLU A 69 14.25 5.31 -27.50
C GLU A 69 15.17 4.86 -26.38
N VAL A 70 16.27 4.22 -26.68
CA VAL A 70 17.25 3.82 -25.69
C VAL A 70 18.50 4.63 -25.97
N VAL A 71 18.99 5.40 -25.02
CA VAL A 71 20.20 6.27 -25.16
C VAL A 71 21.27 5.78 -24.16
N ILE A 72 22.47 5.52 -24.66
CA ILE A 72 23.64 5.31 -23.77
C ILE A 72 24.22 6.71 -23.57
N GLU A 73 24.09 7.26 -22.39
CA GLU A 73 24.51 8.63 -22.06
C GLU A 73 25.96 8.54 -21.56
N LYS A 74 26.56 9.77 -21.48
CA LYS A 74 27.83 9.87 -20.76
C LYS A 74 27.83 9.19 -19.40
N ASP A 75 28.96 8.58 -19.20
CA ASP A 75 29.30 7.82 -17.98
CA ASP A 75 29.30 7.82 -17.96
C ASP A 75 28.38 6.58 -17.85
N ASN A 76 27.90 6.08 -18.96
CA ASN A 76 27.09 4.84 -18.95
C ASN A 76 25.83 4.97 -18.10
N TRP A 77 25.20 6.11 -18.13
CA TRP A 77 23.79 6.21 -17.77
C TRP A 77 23.03 5.63 -18.99
N ILE A 78 21.88 5.07 -18.73
CA ILE A 78 20.92 4.68 -19.75
C ILE A 78 19.70 5.55 -19.62
N LYS A 79 19.14 6.03 -20.72
CA LYS A 79 17.83 6.70 -20.78
C LYS A 79 16.92 5.92 -21.65
N VAL A 80 15.73 5.55 -21.17
CA VAL A 80 14.70 4.82 -21.96
C VAL A 80 13.50 5.79 -21.94
N THR A 81 12.90 6.00 -23.08
CA THR A 81 11.73 6.91 -23.29
C THR A 81 10.71 6.13 -24.02
N ASP A 82 9.44 6.20 -23.67
CA ASP A 82 8.32 5.74 -24.53
C ASP A 82 7.32 6.86 -24.66
N ASN A 83 6.50 6.80 -25.66
CA ASN A 83 5.43 7.77 -25.89
C ASN A 83 4.05 7.18 -25.51
N GLY A 84 4.01 6.35 -24.51
CA GLY A 84 2.75 5.80 -23.95
C GLY A 84 1.97 6.78 -23.11
N ARG A 85 1.11 6.21 -22.23
CA ARG A 85 0.24 7.07 -21.47
C ARG A 85 0.95 7.77 -20.34
N GLY A 86 2.21 7.43 -20.01
CA GLY A 86 2.78 7.94 -18.77
C GLY A 86 2.42 7.08 -17.59
N ILE A 87 3.40 6.59 -16.80
CA ILE A 87 3.07 5.83 -15.65
C ILE A 87 2.21 6.68 -14.72
N PRO A 88 1.09 6.05 -14.20
CA PRO A 88 0.16 6.92 -13.45
C PRO A 88 0.77 7.54 -12.22
N VAL A 89 0.22 8.70 -11.83
CA VAL A 89 0.73 9.47 -10.66
C VAL A 89 -0.35 9.63 -9.55
N ASP A 90 -1.52 9.04 -9.73
CA ASP A 90 -2.58 9.19 -8.73
C ASP A 90 -2.14 8.47 -7.49
N ILE A 91 -2.69 8.91 -6.36
CA ILE A 91 -2.39 8.38 -5.06
C ILE A 91 -3.09 7.04 -4.96
N GLN A 92 -2.33 6.05 -4.56
CA GLN A 92 -2.92 4.73 -4.26
C GLN A 92 -3.69 4.52 -2.99
N GLU A 93 -4.65 3.60 -3.12
CA GLU A 93 -5.41 3.18 -1.98
C GLU A 93 -4.46 2.43 -1.06
N LYS A 94 -3.76 1.43 -1.60
CA LYS A 94 -2.99 0.52 -0.75
C LYS A 94 -1.71 1.14 -0.11
N MET A 95 -0.99 2.00 -0.85
CA MET A 95 0.26 2.65 -0.37
C MET A 95 0.15 4.08 0.15
N GLY A 96 -0.89 4.84 -0.23
CA GLY A 96 -0.95 6.22 0.17
C GLY A 96 0.12 7.09 -0.57
N ARG A 97 0.67 6.54 -1.63
CA ARG A 97 1.83 7.06 -2.36
C ARG A 97 1.42 7.11 -3.81
N PRO A 98 2.09 8.02 -4.57
CA PRO A 98 1.78 7.99 -5.96
C PRO A 98 2.06 6.66 -6.67
N ALA A 99 1.21 6.33 -7.63
CA ALA A 99 1.34 5.01 -8.32
C ALA A 99 2.74 4.84 -8.90
N VAL A 100 3.27 5.85 -9.51
CA VAL A 100 4.65 5.72 -10.11
C VAL A 100 5.62 5.40 -9.06
N GLU A 101 5.56 6.02 -7.89
CA GLU A 101 6.42 5.67 -6.77
C GLU A 101 6.34 4.21 -6.35
N VAL A 102 5.12 3.69 -6.25
CA VAL A 102 4.92 2.32 -5.89
C VAL A 102 5.58 1.35 -6.88
N ILE A 103 5.38 1.60 -8.20
CA ILE A 103 5.95 0.78 -9.21
C ILE A 103 7.50 0.88 -9.23
N LEU A 104 8.03 2.06 -9.03
CA LEU A 104 9.50 2.20 -9.10
CA LEU A 104 9.50 2.25 -9.04
C LEU A 104 10.17 1.72 -7.81
N THR A 105 9.54 1.84 -6.65
CA THR A 105 10.15 1.29 -5.42
C THR A 105 10.04 -0.23 -5.41
N SER A 106 9.26 -0.87 -6.23
CA SER A 106 9.16 -2.30 -6.37
CA SER A 106 9.22 -2.33 -6.26
C SER A 106 10.03 -2.86 -7.50
N SER A 107 10.82 -1.98 -8.15
CA SER A 107 11.58 -2.33 -9.31
C SER A 107 13.00 -2.83 -9.04
N VAL A 108 13.32 -3.98 -9.63
CA VAL A 108 14.70 -4.56 -9.52
C VAL A 108 15.75 -3.60 -10.10
N VAL A 109 15.42 -2.93 -11.20
CA VAL A 109 16.41 -2.09 -11.88
C VAL A 109 16.70 -0.94 -10.94
N ASN A 110 15.68 -0.37 -10.29
CA ASN A 110 15.86 0.75 -9.36
C ASN A 110 16.68 0.32 -8.21
N ALA A 111 16.40 -0.85 -7.60
CA ALA A 111 17.23 -1.35 -6.44
C ALA A 111 18.70 -1.51 -6.76
N LEU A 112 18.94 -1.85 -8.01
CA LEU A 112 20.30 -2.17 -8.52
C LEU A 112 20.95 -0.94 -9.21
N SER A 113 20.34 0.19 -9.12
CA SER A 113 20.90 1.44 -9.65
C SER A 113 21.40 2.33 -8.57
N GLN A 114 22.63 2.87 -8.71
CA GLN A 114 23.02 3.92 -7.77
C GLN A 114 22.19 5.12 -7.77
N ASP A 115 21.69 5.47 -8.95
CA ASP A 115 20.77 6.54 -9.11
C ASP A 115 19.77 6.19 -10.26
N LEU A 116 18.53 6.66 -10.09
CA LEU A 116 17.51 6.53 -11.12
C LEU A 116 16.63 7.69 -11.06
N GLU A 117 16.25 8.23 -12.25
CA GLU A 117 15.31 9.32 -12.32
C GLU A 117 14.12 8.89 -13.20
N VAL A 118 12.89 9.36 -12.88
CA VAL A 118 11.74 9.18 -13.71
C VAL A 118 11.15 10.53 -14.06
N TYR A 119 10.75 10.73 -15.33
CA TYR A 119 9.94 11.89 -15.70
C TYR A 119 8.71 11.31 -16.34
N VAL A 120 7.52 11.69 -15.85
CA VAL A 120 6.25 11.26 -16.47
C VAL A 120 5.59 12.45 -17.16
N HIS A 121 5.19 12.35 -18.42
CA HIS A 121 4.43 13.34 -19.09
C HIS A 121 2.95 12.82 -19.14
N ARG A 122 2.06 13.44 -18.35
CA ARG A 122 0.70 12.94 -18.26
C ARG A 122 -0.17 14.11 -17.72
N ASN A 123 -1.43 14.14 -18.11
CA ASN A 123 -2.29 15.21 -17.61
C ASN A 123 -1.70 16.63 -17.86
N GLU A 124 -1.00 16.82 -19.01
CA GLU A 124 -0.40 18.10 -19.44
C GLU A 124 0.65 18.59 -18.48
N THR A 125 1.21 17.71 -17.66
CA THR A 125 2.07 17.99 -16.62
C THR A 125 3.34 17.05 -16.69
N ILE A 126 4.51 17.57 -16.31
CA ILE A 126 5.69 16.76 -16.23
C ILE A 126 5.91 16.52 -14.74
N TYR A 127 6.03 15.24 -14.32
CA TYR A 127 6.27 14.88 -12.94
C TYR A 127 7.63 14.25 -12.84
N HIS A 128 8.37 14.48 -11.78
CA HIS A 128 9.72 13.95 -11.60
C HIS A 128 9.96 13.39 -10.22
N GLN A 129 10.64 12.27 -10.15
CA GLN A 129 11.18 11.69 -8.93
C GLN A 129 12.51 11.10 -9.15
N ALA A 130 13.34 11.15 -8.15
CA ALA A 130 14.70 10.53 -8.22
C ALA A 130 14.89 9.63 -7.03
N TYR A 131 15.75 8.66 -7.21
CA TYR A 131 15.91 7.53 -6.27
C TYR A 131 17.44 7.24 -6.24
N LYS A 132 17.90 6.61 -5.13
CA LYS A 132 19.27 6.02 -5.04
C LYS A 132 19.10 4.65 -4.37
N LYS A 133 19.51 3.61 -5.03
CA LYS A 133 19.42 2.23 -4.59
C LYS A 133 17.93 1.89 -4.27
N GLY A 134 17.04 2.50 -5.04
CA GLY A 134 15.61 2.30 -4.86
C GLY A 134 14.86 3.25 -3.92
N VAL A 135 15.63 4.00 -3.15
CA VAL A 135 15.07 4.88 -2.09
C VAL A 135 14.72 6.24 -2.73
N PRO A 136 13.50 6.70 -2.67
CA PRO A 136 13.12 8.00 -3.23
C PRO A 136 13.88 9.07 -2.50
N GLN A 137 14.41 10.06 -3.19
CA GLN A 137 15.12 11.15 -2.62
C GLN A 137 14.28 12.32 -2.22
N PHE A 138 13.06 12.38 -2.74
CA PHE A 138 12.09 13.40 -2.52
C PHE A 138 10.75 12.95 -3.05
N ASP A 139 9.66 13.55 -2.64
CA ASP A 139 8.37 13.23 -3.10
C ASP A 139 8.23 13.58 -4.60
N LEU A 140 7.43 12.81 -5.34
CA LEU A 140 7.12 13.10 -6.72
C LEU A 140 6.69 14.59 -6.83
N LYS A 141 7.28 15.27 -7.81
CA LYS A 141 6.99 16.68 -7.98
C LYS A 141 6.62 17.06 -9.35
N GLU A 142 5.75 18.04 -9.43
CA GLU A 142 5.44 18.71 -10.68
C GLU A 142 6.49 19.67 -11.04
N VAL A 143 7.08 19.47 -12.24
CA VAL A 143 8.25 20.27 -12.63
C VAL A 143 7.98 21.11 -13.88
N GLY A 144 6.96 20.86 -14.65
CA GLY A 144 6.75 21.57 -15.87
C GLY A 144 5.42 21.11 -16.47
N THR A 145 5.19 21.59 -17.67
CA THR A 145 4.02 21.25 -18.47
C THR A 145 4.39 20.66 -19.80
N THR A 146 3.38 20.05 -20.41
CA THR A 146 3.62 19.31 -21.65
C THR A 146 2.37 19.12 -22.45
N ASP A 147 2.52 18.91 -23.75
CA ASP A 147 1.42 18.50 -24.52
C ASP A 147 1.59 17.08 -25.06
N LYS A 148 2.53 16.35 -24.50
CA LYS A 148 2.80 14.93 -24.84
C LYS A 148 2.50 14.06 -23.68
N THR A 149 2.49 12.74 -23.96
CA THR A 149 2.42 11.77 -22.90
C THR A 149 3.49 10.74 -23.10
N GLY A 150 3.95 10.24 -21.98
CA GLY A 150 4.95 9.12 -21.99
C GLY A 150 5.78 9.11 -20.75
N THR A 151 6.79 8.23 -20.73
CA THR A 151 7.65 7.97 -19.56
C THR A 151 9.08 8.06 -19.98
N VAL A 152 9.90 8.71 -19.15
CA VAL A 152 11.33 8.65 -19.32
C VAL A 152 11.92 8.07 -18.08
N ILE A 153 12.80 7.05 -18.18
CA ILE A 153 13.57 6.47 -17.06
CA ILE A 153 13.57 6.54 -17.07
C ILE A 153 15.05 6.66 -17.42
N ARG A 154 15.85 7.23 -16.54
CA ARG A 154 17.31 7.34 -16.71
C ARG A 154 17.90 6.70 -15.47
N PHE A 155 18.86 5.78 -15.67
CA PHE A 155 19.47 5.09 -14.50
C PHE A 155 20.95 4.88 -14.74
N LYS A 156 21.65 4.81 -13.62
CA LYS A 156 23.08 4.50 -13.57
C LYS A 156 23.25 3.19 -12.73
N ALA A 157 23.69 2.12 -13.34
CA ALA A 157 23.87 0.83 -12.68
C ALA A 157 24.80 1.00 -11.53
N ASP A 158 24.48 0.32 -10.41
CA ASP A 158 25.37 0.42 -9.18
C ASP A 158 26.64 -0.42 -9.32
N GLY A 159 27.77 0.24 -9.36
CA GLY A 159 29.04 -0.46 -9.44
C GLY A 159 29.36 -1.33 -8.22
N GLU A 160 28.66 -1.10 -7.15
CA GLU A 160 28.74 -2.03 -5.93
C GLU A 160 28.15 -3.38 -6.24
N ILE A 161 27.18 -3.46 -7.14
CA ILE A 161 26.49 -4.68 -7.58
C ILE A 161 27.24 -5.28 -8.81
N PHE A 162 27.39 -4.44 -9.84
CA PHE A 162 27.98 -4.84 -11.11
C PHE A 162 29.47 -4.66 -11.07
N THR A 163 30.11 -5.54 -10.30
CA THR A 163 31.55 -5.38 -9.95
C THR A 163 32.46 -5.69 -11.11
N GLU A 164 32.07 -6.45 -12.13
CA GLU A 164 32.89 -6.71 -13.30
C GLU A 164 33.00 -5.47 -14.23
N THR A 165 31.83 -4.98 -14.58
CA THR A 165 31.77 -3.87 -15.54
C THR A 165 30.43 -3.15 -15.46
N THR A 166 30.45 -1.83 -15.64
CA THR A 166 29.24 -1.00 -15.81
C THR A 166 29.19 -0.36 -17.19
N VAL A 167 30.03 -0.85 -18.13
CA VAL A 167 30.08 -0.33 -19.47
C VAL A 167 29.22 -1.14 -20.42
N TYR A 168 28.27 -0.45 -21.12
CA TYR A 168 27.42 -1.22 -22.04
C TYR A 168 28.07 -1.44 -23.41
N ASN A 169 27.63 -2.47 -24.12
CA ASN A 169 28.18 -2.81 -25.39
C ASN A 169 27.13 -2.42 -26.43
N TYR A 170 27.45 -1.46 -27.29
CA TYR A 170 26.45 -1.02 -28.27
C TYR A 170 25.94 -2.14 -29.12
N GLU A 171 26.82 -3.00 -29.63
CA GLU A 171 26.40 -4.10 -30.47
C GLU A 171 25.43 -5.07 -29.78
N THR A 172 25.65 -5.39 -28.49
CA THR A 172 24.71 -6.13 -27.69
C THR A 172 23.34 -5.49 -27.62
N LEU A 173 23.35 -4.24 -27.38
CA LEU A 173 22.04 -3.51 -27.25
C LEU A 173 21.40 -3.46 -28.69
N GLN A 174 22.22 -3.19 -29.71
CA GLN A 174 21.71 -3.10 -31.09
CA GLN A 174 21.70 -3.09 -31.09
C GLN A 174 21.06 -4.37 -31.53
N GLN A 175 21.71 -5.48 -31.29
CA GLN A 175 21.17 -6.77 -31.76
CA GLN A 175 21.16 -6.68 -31.87
C GLN A 175 19.82 -7.08 -31.16
N ARG A 176 19.73 -6.83 -29.88
CA ARG A 176 18.46 -7.17 -29.19
CA ARG A 176 18.47 -7.14 -29.16
C ARG A 176 17.36 -6.11 -29.54
N ILE A 177 17.68 -4.85 -29.67
CA ILE A 177 16.72 -3.84 -30.08
C ILE A 177 16.21 -4.18 -31.45
N ARG A 178 17.06 -4.56 -32.39
CA ARG A 178 16.60 -4.93 -33.76
CA ARG A 178 16.54 -4.84 -33.73
C ARG A 178 15.63 -6.10 -33.66
N GLU A 179 16.03 -7.09 -32.85
CA GLU A 179 15.11 -8.26 -32.65
C GLU A 179 13.76 -7.84 -32.12
N LEU A 180 13.74 -7.03 -31.11
CA LEU A 180 12.51 -6.59 -30.48
C LEU A 180 11.67 -5.84 -31.44
N ALA A 181 12.21 -4.98 -32.29
CA ALA A 181 11.43 -4.27 -33.26
C ALA A 181 10.89 -5.23 -34.27
N PHE A 182 11.68 -6.24 -34.77
CA PHE A 182 11.18 -7.16 -35.75
C PHE A 182 10.06 -8.03 -35.16
N LEU A 183 10.10 -8.37 -33.91
CA LEU A 183 9.08 -9.16 -33.24
C LEU A 183 7.83 -8.39 -33.00
N ASN A 184 7.98 -7.12 -32.70
CA ASN A 184 6.83 -6.21 -32.26
C ASN A 184 6.62 -5.24 -33.39
N LYS A 185 6.09 -5.69 -34.55
CA LYS A 185 5.96 -4.87 -35.72
C LYS A 185 5.12 -3.63 -35.50
N GLY A 186 5.61 -2.54 -36.01
CA GLY A 186 4.94 -1.27 -35.82
C GLY A 186 5.53 -0.37 -34.77
N ILE A 187 6.36 -0.90 -33.90
CA ILE A 187 6.95 -0.06 -32.90
C ILE A 187 8.27 0.43 -33.43
N GLN A 188 8.49 1.72 -33.40
CA GLN A 188 9.76 2.31 -33.78
C GLN A 188 10.70 2.26 -32.56
N ILE A 189 11.81 1.56 -32.63
CA ILE A 189 12.75 1.52 -31.50
C ILE A 189 14.10 2.05 -31.97
N THR A 190 14.61 3.02 -31.25
CA THR A 190 15.82 3.73 -31.62
C THR A 190 16.91 3.49 -30.59
N LEU A 191 18.12 3.26 -30.97
CA LEU A 191 19.26 3.18 -30.05
C LEU A 191 20.21 4.27 -30.40
N ARG A 192 20.75 4.99 -29.40
CA ARG A 192 21.69 6.08 -29.69
C ARG A 192 22.82 5.99 -28.69
N ASP A 193 24.07 6.14 -29.09
CA ASP A 193 25.22 6.19 -28.19
C ASP A 193 25.77 7.58 -28.15
N GLU A 194 25.70 8.28 -27.04
CA GLU A 194 26.12 9.64 -26.81
C GLU A 194 27.31 9.64 -25.89
N ARG A 195 27.94 8.54 -25.62
CA ARG A 195 29.05 8.53 -24.69
C ARG A 195 30.22 9.34 -25.19
N ASP A 196 30.47 9.34 -26.49
CA ASP A 196 31.51 10.29 -27.06
C ASP A 196 30.78 11.33 -27.88
N GLU A 197 30.66 12.49 -27.34
CA GLU A 197 29.91 13.63 -27.94
C GLU A 197 30.45 13.97 -29.30
N GLU A 198 31.71 13.60 -29.55
CA GLU A 198 32.32 13.91 -30.88
C GLU A 198 31.85 12.89 -31.98
N ASN A 199 31.35 11.67 -31.63
CA ASN A 199 30.97 10.66 -32.60
C ASN A 199 29.77 9.92 -32.02
N VAL A 200 28.60 10.43 -32.41
CA VAL A 200 27.29 9.87 -31.95
C VAL A 200 26.78 8.91 -32.99
N ARG A 201 26.40 7.74 -32.59
CA ARG A 201 25.94 6.66 -33.40
CA ARG A 201 25.96 6.68 -33.44
C ARG A 201 24.51 6.43 -33.13
N GLU A 202 23.66 6.21 -34.14
CA GLU A 202 22.22 5.94 -33.89
C GLU A 202 21.77 4.82 -34.87
N ASP A 203 20.96 3.89 -34.45
CA ASP A 203 20.32 2.93 -35.30
C ASP A 203 18.85 3.04 -34.94
N SER A 204 17.98 3.08 -35.94
CA SER A 204 16.54 3.08 -35.62
CA SER A 204 16.49 3.22 -35.71
C SER A 204 15.76 2.09 -36.43
N TYR A 205 14.93 1.33 -35.77
CA TYR A 205 14.28 0.16 -36.38
C TYR A 205 12.78 0.32 -36.38
N HIS A 206 12.09 -0.07 -37.45
CA HIS A 206 10.64 0.11 -37.50
C HIS A 206 10.17 -0.79 -38.54
N TYR A 207 9.66 -1.94 -38.18
CA TYR A 207 9.22 -2.95 -39.18
C TYR A 207 7.72 -2.75 -39.51
N GLU A 208 7.38 -2.93 -40.76
CA GLU A 208 6.00 -2.83 -41.29
C GLU A 208 5.23 -1.63 -40.83
N GLN B 21 -14.14 7.19 -3.62
CA GLN B 21 -12.87 7.02 -2.85
C GLN B 21 -13.02 6.31 -1.46
N VAL B 22 -14.14 6.53 -0.80
CA VAL B 22 -14.36 5.81 0.48
C VAL B 22 -14.54 4.34 0.13
N LEU B 23 -15.50 4.06 -0.76
CA LEU B 23 -15.80 2.70 -1.23
C LEU B 23 -14.57 1.96 -1.84
N GLU B 24 -13.70 2.73 -2.49
CA GLU B 24 -12.46 2.23 -2.99
C GLU B 24 -11.56 1.83 -1.86
N GLY B 25 -11.55 2.63 -0.79
CA GLY B 25 -10.63 2.44 0.38
C GLY B 25 -11.10 1.15 1.09
N LEU B 26 -12.39 0.97 1.13
CA LEU B 26 -12.99 -0.24 1.69
C LEU B 26 -12.60 -1.42 0.82
N GLU B 27 -12.50 -1.21 -0.49
CA GLU B 27 -12.08 -2.33 -1.39
C GLU B 27 -10.66 -2.67 -1.20
N ALA B 28 -9.77 -1.70 -1.05
CA ALA B 28 -8.37 -1.96 -0.88
C ALA B 28 -8.10 -2.85 0.33
N VAL B 29 -8.82 -2.56 1.44
CA VAL B 29 -8.54 -3.25 2.65
C VAL B 29 -8.97 -4.63 2.51
N ARG B 30 -10.13 -4.84 1.92
CA ARG B 30 -10.68 -6.13 1.79
C ARG B 30 -9.86 -7.09 0.84
N LYS B 31 -9.18 -6.48 -0.10
CA LYS B 31 -8.35 -7.23 -1.08
C LYS B 31 -6.99 -7.51 -0.44
N ARG B 32 -6.51 -6.73 0.50
CA ARG B 32 -5.28 -7.08 1.13
C ARG B 32 -5.31 -6.95 2.67
N PRO B 33 -6.10 -7.75 3.33
CA PRO B 33 -6.27 -7.66 4.85
C PRO B 33 -5.06 -7.80 5.62
N GLY B 34 -4.14 -8.66 5.13
CA GLY B 34 -2.92 -8.92 5.83
C GLY B 34 -1.97 -7.80 6.02
N MET B 35 -2.02 -6.84 5.11
CA MET B 35 -1.26 -5.61 5.21
C MET B 35 -1.76 -4.72 6.38
N TYR B 36 -3.02 -4.94 6.79
CA TYR B 36 -3.68 -4.05 7.77
C TYR B 36 -3.82 -4.73 9.08
N ILE B 37 -4.08 -6.05 9.09
CA ILE B 37 -4.20 -6.77 10.31
C ILE B 37 -3.28 -7.95 10.53
N GLY B 38 -2.31 -8.13 9.63
CA GLY B 38 -1.24 -9.14 9.80
C GLY B 38 -1.56 -10.42 9.10
N SER B 39 -2.80 -10.88 9.11
CA SER B 39 -3.22 -12.13 8.51
C SER B 39 -4.75 -12.37 8.60
N THR B 40 -5.26 -13.34 7.85
CA THR B 40 -6.70 -13.72 7.92
C THR B 40 -6.98 -14.96 8.76
N SER B 41 -5.95 -15.45 9.46
CA SER B 41 -5.99 -16.62 10.32
C SER B 41 -6.70 -16.25 11.62
N GLU B 42 -6.76 -17.16 12.55
CA GLU B 42 -7.26 -16.85 13.94
C GLU B 42 -6.59 -15.61 14.54
N ARG B 43 -5.30 -15.41 14.33
CA ARG B 43 -4.59 -14.26 14.84
C ARG B 43 -5.12 -12.93 14.29
N GLY B 44 -5.48 -12.94 13.01
CA GLY B 44 -6.12 -11.81 12.36
C GLY B 44 -7.50 -11.55 12.90
N LEU B 45 -8.30 -12.57 13.10
CA LEU B 45 -9.60 -12.45 13.70
C LEU B 45 -9.47 -11.72 15.04
N HIS B 46 -8.64 -12.19 15.90
CA HIS B 46 -8.47 -11.53 17.23
C HIS B 46 -7.94 -10.10 17.13
N HIS B 47 -7.12 -9.79 16.09
CA HIS B 47 -6.58 -8.48 15.91
C HIS B 47 -7.70 -7.48 15.64
N LEU B 48 -8.84 -7.87 15.06
CA LEU B 48 -10.06 -6.97 14.89
C LEU B 48 -10.44 -6.41 16.29
N VAL B 49 -10.43 -7.34 17.29
CA VAL B 49 -10.77 -6.89 18.68
C VAL B 49 -9.77 -5.88 19.16
N TRP B 50 -8.47 -6.07 18.95
CA TRP B 50 -7.45 -5.20 19.43
C TRP B 50 -7.53 -3.81 18.79
N GLU B 51 -7.91 -3.79 17.53
CA GLU B 51 -8.09 -2.46 16.82
C GLU B 51 -9.14 -1.61 17.49
N ILE B 52 -10.30 -2.26 17.85
CA ILE B 52 -11.36 -1.47 18.42
C ILE B 52 -11.02 -1.19 19.88
N VAL B 53 -10.50 -2.17 20.65
CA VAL B 53 -10.08 -1.86 21.99
C VAL B 53 -9.09 -0.77 22.12
N ASP B 54 -8.16 -0.71 21.12
CA ASP B 54 -7.15 0.34 21.12
CA ASP B 54 -7.16 0.32 21.14
C ASP B 54 -7.77 1.75 21.08
N ASN B 55 -8.90 1.92 20.37
CA ASN B 55 -9.56 3.15 20.38
C ASN B 55 -10.04 3.57 21.75
N SER B 56 -10.50 2.58 22.57
CA SER B 56 -10.94 2.85 23.86
C SER B 56 -9.74 3.14 24.81
N ILE B 57 -8.63 2.35 24.68
CA ILE B 57 -7.42 2.69 25.38
C ILE B 57 -6.92 4.10 25.11
N ASP B 58 -7.03 4.52 23.85
CA ASP B 58 -6.62 5.92 23.55
C ASP B 58 -7.47 6.91 24.36
N GLU B 59 -8.80 6.62 24.44
CA GLU B 59 -9.65 7.44 25.22
C GLU B 59 -9.39 7.47 26.72
N ALA B 60 -8.91 6.35 27.28
CA ALA B 60 -8.41 6.24 28.63
C ALA B 60 -7.06 7.04 28.75
N LEU B 61 -6.18 6.87 27.78
CA LEU B 61 -4.94 7.66 27.81
C LEU B 61 -5.14 9.14 27.71
N ALA B 62 -6.21 9.57 27.07
CA ALA B 62 -6.57 10.98 27.00
C ALA B 62 -7.17 11.50 28.27
N GLY B 63 -7.58 10.65 29.20
CA GLY B 63 -8.10 11.02 30.47
C GLY B 63 -9.59 10.95 30.66
N TYR B 64 -10.27 10.39 29.66
CA TYR B 64 -11.71 10.47 29.68
C TYR B 64 -12.48 9.17 29.91
N ALA B 65 -11.93 8.02 29.60
CA ALA B 65 -12.58 6.77 29.81
C ALA B 65 -11.86 6.05 31.06
N ASN B 66 -12.60 5.41 31.92
CA ASN B 66 -12.01 4.57 32.94
C ASN B 66 -12.62 3.19 33.05
N GLN B 67 -13.47 2.81 32.11
CA GLN B 67 -14.11 1.48 32.07
C GLN B 67 -14.22 1.09 30.63
N ILE B 68 -13.75 -0.10 30.33
CA ILE B 68 -13.80 -0.71 28.97
C ILE B 68 -14.39 -2.12 29.11
N GLU B 69 -15.31 -2.53 28.28
CA GLU B 69 -15.94 -3.82 28.37
C GLU B 69 -15.79 -4.46 26.99
N VAL B 70 -15.41 -5.71 26.94
CA VAL B 70 -15.40 -6.51 25.76
C VAL B 70 -16.27 -7.74 25.93
N VAL B 71 -17.29 -7.93 25.06
CA VAL B 71 -18.19 -9.05 25.21
C VAL B 71 -18.17 -9.87 23.98
N ILE B 72 -18.01 -11.18 24.14
CA ILE B 72 -18.14 -12.12 23.02
C ILE B 72 -19.58 -12.53 23.01
N GLU B 73 -20.35 -12.10 22.04
CA GLU B 73 -21.73 -12.29 21.95
C GLU B 73 -22.11 -13.43 21.06
N LYS B 74 -23.40 -13.82 21.15
CA LYS B 74 -23.97 -14.90 20.32
C LYS B 74 -23.56 -14.71 18.87
N ASP B 75 -23.23 -15.84 18.23
CA ASP B 75 -22.74 -15.85 16.85
C ASP B 75 -21.45 -15.13 16.66
N ASN B 76 -20.63 -15.03 17.71
CA ASN B 76 -19.28 -14.44 17.54
C ASN B 76 -19.32 -12.96 17.04
N TRP B 77 -20.34 -12.27 17.44
CA TRP B 77 -20.23 -10.80 17.42
C TRP B 77 -19.30 -10.44 18.62
N ILE B 78 -18.66 -9.32 18.52
CA ILE B 78 -17.89 -8.71 19.56
C ILE B 78 -18.53 -7.41 19.82
N LYS B 79 -18.67 -7.05 21.12
CA LYS B 79 -19.14 -5.74 21.55
C LYS B 79 -18.04 -5.14 22.40
N VAL B 80 -17.66 -3.92 22.08
CA VAL B 80 -16.70 -3.14 22.89
C VAL B 80 -17.39 -1.90 23.33
N THR B 81 -17.29 -1.56 24.59
CA THR B 81 -17.84 -0.33 25.09
C THR B 81 -16.77 0.42 25.89
N ASP B 82 -16.75 1.74 25.77
CA ASP B 82 -16.04 2.61 26.72
C ASP B 82 -16.90 3.68 27.28
N ASN B 83 -16.53 4.29 28.42
CA ASN B 83 -17.25 5.38 29.05
C ASN B 83 -16.49 6.72 28.81
N GLY B 84 -15.88 6.85 27.65
CA GLY B 84 -15.24 8.10 27.29
C GLY B 84 -16.16 9.13 26.73
N ARG B 85 -15.65 9.98 25.85
CA ARG B 85 -16.53 11.15 25.43
C ARG B 85 -17.53 10.77 24.35
N GLY B 86 -17.43 9.69 23.69
CA GLY B 86 -18.24 9.37 22.53
C GLY B 86 -17.63 9.93 21.28
N ILE B 87 -17.60 9.03 20.24
CA ILE B 87 -17.05 9.45 18.98
C ILE B 87 -17.82 10.71 18.49
N PRO B 88 -17.18 11.81 18.03
CA PRO B 88 -17.98 12.98 17.60
C PRO B 88 -18.93 12.66 16.48
N VAL B 89 -20.02 13.42 16.48
CA VAL B 89 -21.05 13.22 15.46
C VAL B 89 -21.28 14.45 14.54
N ASP B 90 -20.56 15.51 14.88
CA ASP B 90 -20.72 16.81 14.16
C ASP B 90 -20.37 16.57 12.70
N ILE B 91 -21.04 17.32 11.82
CA ILE B 91 -20.97 17.12 10.43
C ILE B 91 -19.74 17.79 9.95
N GLN B 92 -18.94 17.03 9.21
CA GLN B 92 -17.70 17.52 8.50
C GLN B 92 -17.99 18.20 7.18
N GLY B 96 -18.85 16.65 4.62
CA GLY B 96 -20.34 16.72 4.42
C GLY B 96 -21.13 15.61 5.18
N ARG B 97 -20.42 14.85 6.01
CA ARG B 97 -21.04 13.65 6.74
C ARG B 97 -20.64 13.76 8.19
N PRO B 98 -21.40 13.12 9.13
CA PRO B 98 -20.96 13.12 10.54
C PRO B 98 -19.57 12.51 10.72
N ALA B 99 -18.86 13.07 11.71
CA ALA B 99 -17.48 12.63 11.96
C ALA B 99 -17.42 11.11 12.19
N VAL B 100 -18.37 10.60 13.02
CA VAL B 100 -18.35 9.12 13.27
C VAL B 100 -18.45 8.30 11.99
N GLU B 101 -19.31 8.74 11.04
CA GLU B 101 -19.48 8.03 9.79
C GLU B 101 -18.11 8.09 9.02
N VAL B 102 -17.49 9.27 8.94
CA VAL B 102 -16.18 9.41 8.22
C VAL B 102 -15.14 8.46 8.84
N ILE B 103 -15.12 8.44 10.15
CA ILE B 103 -14.17 7.56 10.90
C ILE B 103 -14.49 6.12 10.62
N LEU B 104 -15.77 5.67 10.76
CA LEU B 104 -16.11 4.26 10.59
C LEU B 104 -16.01 3.77 9.16
N THR B 105 -16.18 4.65 8.16
CA THR B 105 -16.13 4.20 6.70
C THR B 105 -14.64 4.22 6.34
N SER B 106 -13.75 4.59 7.21
CA SER B 106 -12.23 4.42 6.98
C SER B 106 -11.63 3.39 7.91
N SER B 107 -12.49 2.65 8.62
CA SER B 107 -11.99 1.67 9.52
C SER B 107 -11.78 0.26 8.87
N VAL B 108 -10.60 -0.28 9.19
CA VAL B 108 -10.21 -1.63 8.81
C VAL B 108 -11.19 -2.70 9.34
N VAL B 109 -11.55 -2.52 10.64
CA VAL B 109 -12.42 -3.49 11.18
C VAL B 109 -13.74 -3.51 10.49
N ASN B 110 -14.30 -2.28 10.24
CA ASN B 110 -15.59 -2.20 9.53
C ASN B 110 -15.56 -2.81 8.13
N ALA B 111 -14.44 -2.53 7.46
CA ALA B 111 -14.29 -3.12 6.10
C ALA B 111 -14.26 -4.64 6.09
N LEU B 112 -13.70 -5.21 7.14
CA LEU B 112 -13.54 -6.67 7.30
C LEU B 112 -14.65 -7.33 8.12
N SER B 113 -15.76 -6.59 8.41
CA SER B 113 -16.89 -7.06 9.12
C SER B 113 -18.02 -7.20 8.21
N GLN B 114 -18.72 -8.34 8.27
CA GLN B 114 -19.95 -8.51 7.58
C GLN B 114 -21.02 -7.48 8.00
N ASP B 115 -21.02 -7.12 9.29
CA ASP B 115 -22.03 -6.23 9.92
C ASP B 115 -21.29 -5.52 11.06
N LEU B 116 -21.50 -4.21 11.18
CA LEU B 116 -20.95 -3.45 12.31
C LEU B 116 -21.98 -2.44 12.68
N GLU B 117 -22.17 -2.18 13.98
CA GLU B 117 -23.07 -1.23 14.57
C GLU B 117 -22.32 -0.32 15.50
N VAL B 118 -22.64 0.97 15.52
CA VAL B 118 -22.12 1.89 16.47
C VAL B 118 -23.26 2.52 17.23
N TYR B 119 -23.09 2.80 18.54
CA TYR B 119 -23.96 3.62 19.38
C TYR B 119 -23.10 4.61 20.04
N VAL B 120 -23.30 5.88 19.87
CA VAL B 120 -22.57 6.93 20.53
C VAL B 120 -23.47 7.53 21.56
N HIS B 121 -23.03 7.69 22.78
CA HIS B 121 -23.66 8.42 23.85
C HIS B 121 -22.96 9.74 24.04
N ARG B 122 -23.62 10.83 23.61
CA ARG B 122 -22.98 12.12 23.60
C ARG B 122 -24.09 13.18 23.47
N ASN B 123 -23.82 14.33 24.05
CA ASN B 123 -24.87 15.46 23.93
C ASN B 123 -26.23 15.01 24.51
N GLU B 124 -26.20 14.09 25.47
CA GLU B 124 -27.46 13.59 26.15
CA GLU B 124 -27.40 13.53 26.15
C GLU B 124 -28.29 12.82 25.14
N THR B 125 -27.66 12.29 24.06
CA THR B 125 -28.37 11.69 22.93
C THR B 125 -27.69 10.37 22.66
N ILE B 126 -28.41 9.35 22.16
CA ILE B 126 -27.82 8.14 21.69
C ILE B 126 -27.96 8.15 20.17
N TYR B 127 -26.84 8.08 19.47
CA TYR B 127 -26.77 8.08 17.99
C TYR B 127 -26.40 6.74 17.51
N HIS B 128 -27.00 6.28 16.42
CA HIS B 128 -26.77 4.92 15.88
C HIS B 128 -26.60 4.89 14.40
N GLN B 129 -25.62 4.11 13.94
CA GLN B 129 -25.45 3.81 12.53
C GLN B 129 -25.06 2.33 12.40
N ALA B 130 -25.45 1.69 11.34
CA ALA B 130 -25.07 0.32 11.00
C ALA B 130 -24.46 0.25 9.59
N TYR B 131 -23.52 -0.69 9.37
CA TYR B 131 -22.75 -0.85 8.18
C TYR B 131 -22.74 -2.32 7.83
N LYS B 132 -22.40 -2.57 6.54
CA LYS B 132 -22.14 -3.98 6.01
C LYS B 132 -20.94 -3.88 5.15
N LYS B 133 -19.85 -4.58 5.43
CA LYS B 133 -18.56 -4.45 4.76
C LYS B 133 -18.09 -3.02 4.62
N GLY B 134 -18.41 -2.22 5.69
CA GLY B 134 -17.98 -0.91 5.77
C GLY B 134 -18.93 0.14 5.12
N VAL B 135 -19.96 -0.32 4.48
CA VAL B 135 -20.89 0.49 3.73
C VAL B 135 -22.08 0.87 4.74
N PRO B 136 -22.36 2.19 4.95
CA PRO B 136 -23.50 2.53 5.76
C PRO B 136 -24.77 2.04 5.24
N GLN B 137 -25.62 1.54 6.04
CA GLN B 137 -26.92 1.08 5.70
C GLN B 137 -28.00 2.12 5.75
N PHE B 138 -27.78 3.15 6.52
CA PHE B 138 -28.76 4.24 6.79
C PHE B 138 -27.93 5.36 7.40
N ASP B 139 -28.47 6.59 7.36
CA ASP B 139 -27.73 7.78 7.92
C ASP B 139 -27.68 7.61 9.46
N LEU B 140 -26.67 8.18 10.10
CA LEU B 140 -26.62 8.26 11.57
C LEU B 140 -27.94 8.84 12.03
N LYS B 141 -28.51 8.24 13.06
CA LYS B 141 -29.77 8.72 13.56
C LYS B 141 -29.81 8.80 15.10
N GLU B 142 -30.67 9.58 15.66
CA GLU B 142 -30.90 9.65 17.05
C GLU B 142 -31.89 8.57 17.45
N VAL B 143 -31.54 7.74 18.41
CA VAL B 143 -32.37 6.58 18.84
C VAL B 143 -32.61 6.61 20.37
N GLY B 144 -32.33 7.68 21.04
CA GLY B 144 -32.61 7.76 22.48
C GLY B 144 -32.00 8.90 23.19
N THR B 145 -32.21 8.93 24.48
CA THR B 145 -31.74 9.98 25.35
C THR B 145 -30.88 9.28 26.39
N THR B 146 -29.81 9.95 26.87
CA THR B 146 -28.87 9.30 27.82
C THR B 146 -28.36 10.35 28.79
N ASP B 147 -27.85 9.91 29.93
CA ASP B 147 -27.14 10.80 30.77
C ASP B 147 -25.73 10.36 30.95
N LYS B 148 -25.27 9.50 30.03
CA LYS B 148 -23.91 8.91 30.10
C LYS B 148 -23.26 9.32 28.82
N THR B 149 -21.90 9.19 28.79
CA THR B 149 -21.16 9.41 27.58
C THR B 149 -20.28 8.22 27.32
N GLY B 150 -20.05 7.95 26.05
CA GLY B 150 -19.20 6.86 25.60
C GLY B 150 -19.56 6.27 24.30
N THR B 151 -18.89 5.19 23.87
CA THR B 151 -19.07 4.56 22.59
C THR B 151 -19.30 3.11 22.74
N VAL B 152 -20.16 2.54 21.89
CA VAL B 152 -20.36 1.08 21.80
C VAL B 152 -20.14 0.74 20.35
N ILE B 153 -19.31 -0.22 20.05
CA ILE B 153 -19.09 -0.79 18.72
CA ILE B 153 -19.22 -0.78 18.74
C ILE B 153 -19.38 -2.23 18.83
N ARG B 154 -20.26 -2.83 18.00
CA ARG B 154 -20.49 -4.24 17.92
C ARG B 154 -20.21 -4.67 16.45
N PHE B 155 -19.46 -5.75 16.24
CA PHE B 155 -19.21 -6.18 14.89
C PHE B 155 -19.16 -7.64 14.80
N LYS B 156 -19.43 -8.13 13.56
CA LYS B 156 -19.31 -9.52 13.24
CA LYS B 156 -19.39 -9.55 13.20
C LYS B 156 -18.38 -9.68 12.06
N ALA B 157 -17.26 -10.35 12.28
CA ALA B 157 -16.23 -10.55 11.31
C ALA B 157 -16.78 -11.25 10.11
N ASP B 158 -16.20 -10.82 8.92
CA ASP B 158 -16.65 -11.42 7.65
C ASP B 158 -16.02 -12.79 7.36
N GLY B 159 -16.91 -13.74 7.33
CA GLY B 159 -16.60 -15.11 7.15
C GLY B 159 -16.12 -15.43 5.75
N GLU B 160 -16.36 -14.48 4.85
CA GLU B 160 -15.71 -14.58 3.56
C GLU B 160 -14.22 -14.20 3.58
N ILE B 161 -13.80 -13.38 4.52
CA ILE B 161 -12.39 -12.98 4.75
C ILE B 161 -11.71 -14.00 5.70
N PHE B 162 -12.31 -14.25 6.87
CA PHE B 162 -11.75 -15.11 7.89
C PHE B 162 -12.30 -16.48 7.64
N THR B 163 -11.70 -17.16 6.62
CA THR B 163 -12.18 -18.45 6.22
C THR B 163 -11.67 -19.61 7.18
N GLU B 164 -10.55 -19.42 7.89
CA GLU B 164 -10.06 -20.50 8.78
C GLU B 164 -11.05 -20.66 10.04
N THR B 165 -11.35 -19.50 10.65
CA THR B 165 -12.23 -19.52 11.81
C THR B 165 -12.81 -18.07 12.03
N THR B 166 -14.04 -18.10 12.49
CA THR B 166 -14.64 -16.86 13.02
C THR B 166 -15.03 -17.03 14.50
N VAL B 167 -14.47 -18.03 15.18
CA VAL B 167 -14.76 -18.34 16.60
C VAL B 167 -13.61 -17.74 17.38
N TYR B 168 -13.95 -16.85 18.34
CA TYR B 168 -12.97 -16.32 19.23
C TYR B 168 -12.62 -17.26 20.37
N ASN B 169 -11.39 -17.11 20.87
CA ASN B 169 -10.85 -17.90 21.98
C ASN B 169 -10.80 -17.01 23.24
N TYR B 170 -11.59 -17.38 24.28
CA TYR B 170 -11.68 -16.55 25.48
C TYR B 170 -10.31 -16.36 26.09
N GLU B 171 -9.49 -17.46 26.19
CA GLU B 171 -8.22 -17.27 26.87
C GLU B 171 -7.27 -16.33 26.09
N THR B 172 -7.29 -16.33 24.77
CA THR B 172 -6.51 -15.34 24.02
C THR B 172 -6.91 -13.94 24.37
N LEU B 173 -8.23 -13.68 24.37
CA LEU B 173 -8.67 -12.33 24.74
C LEU B 173 -8.31 -11.98 26.15
N GLN B 174 -8.50 -12.94 27.04
CA GLN B 174 -8.25 -12.73 28.46
C GLN B 174 -6.80 -12.36 28.82
N GLN B 175 -5.90 -13.06 28.15
CA GLN B 175 -4.51 -12.80 28.40
C GLN B 175 -4.08 -11.39 27.95
N ARG B 176 -4.61 -10.93 26.83
CA ARG B 176 -4.27 -9.59 26.35
CA ARG B 176 -4.25 -9.58 26.35
C ARG B 176 -4.94 -8.50 27.18
N ILE B 177 -6.18 -8.74 27.54
CA ILE B 177 -6.87 -7.80 28.33
C ILE B 177 -6.21 -7.57 29.70
N ARG B 178 -5.77 -8.67 30.33
CA ARG B 178 -5.05 -8.50 31.60
C ARG B 178 -3.74 -7.65 31.40
N GLU B 179 -3.04 -7.81 30.28
CA GLU B 179 -1.82 -7.05 29.94
C GLU B 179 -2.20 -5.62 29.75
N LEU B 180 -3.33 -5.38 29.05
CA LEU B 180 -3.75 -4.00 28.86
C LEU B 180 -4.09 -3.34 30.09
N ALA B 181 -4.78 -3.99 31.02
CA ALA B 181 -5.13 -3.43 32.26
C ALA B 181 -3.87 -3.11 33.14
N PHE B 182 -2.96 -4.03 33.07
CA PHE B 182 -1.72 -3.81 33.82
C PHE B 182 -0.89 -2.62 33.31
N LEU B 183 -0.93 -2.39 32.00
CA LEU B 183 -0.34 -1.19 31.35
C LEU B 183 -1.07 0.08 31.71
N ASN B 184 -2.39 -0.03 31.87
CA ASN B 184 -3.29 1.14 32.09
C ASN B 184 -3.89 1.12 33.44
N LYS B 185 -3.08 1.46 34.47
CA LYS B 185 -3.52 1.39 35.78
C LYS B 185 -4.71 2.23 36.02
N GLY B 186 -5.63 1.71 36.80
CA GLY B 186 -6.78 2.52 37.17
C GLY B 186 -7.91 2.39 36.13
N ILE B 187 -7.65 1.72 35.04
CA ILE B 187 -8.75 1.49 34.05
C ILE B 187 -9.31 0.10 34.30
N GLN B 188 -10.64 0.01 34.46
CA GLN B 188 -11.23 -1.33 34.65
C GLN B 188 -11.54 -1.92 33.30
N ILE B 189 -11.05 -3.12 32.98
CA ILE B 189 -11.31 -3.74 31.69
C ILE B 189 -11.97 -5.06 32.00
N THR B 190 -13.16 -5.27 31.42
CA THR B 190 -13.92 -6.50 31.66
C THR B 190 -14.06 -7.27 30.41
N LEU B 191 -13.96 -8.58 30.47
CA LEU B 191 -14.21 -9.50 29.35
C LEU B 191 -15.35 -10.40 29.78
N ARG B 192 -16.30 -10.64 28.87
CA ARG B 192 -17.44 -11.48 29.17
C ARG B 192 -17.70 -12.36 27.97
N ASP B 193 -17.95 -13.68 28.19
CA ASP B 193 -18.44 -14.61 27.09
C ASP B 193 -19.87 -14.84 27.30
N GLU B 194 -20.73 -14.43 26.37
CA GLU B 194 -22.16 -14.65 26.38
C GLU B 194 -22.61 -15.68 25.33
N ARG B 195 -21.70 -16.32 24.67
CA ARG B 195 -22.08 -17.24 23.60
C ARG B 195 -22.77 -18.47 24.09
N ASP B 196 -22.52 -18.92 25.32
CA ASP B 196 -23.33 -20.10 25.93
C ASP B 196 -24.19 -19.40 26.97
N GLU B 197 -25.41 -19.14 26.61
CA GLU B 197 -26.25 -18.24 27.35
C GLU B 197 -26.59 -18.84 28.76
N GLU B 198 -26.56 -20.13 28.90
CA GLU B 198 -26.79 -20.80 30.19
C GLU B 198 -25.51 -20.81 31.11
N ASN B 199 -24.33 -20.48 30.56
CA ASN B 199 -23.07 -20.56 31.26
C ASN B 199 -22.19 -19.37 30.86
N VAL B 200 -22.46 -18.21 31.51
CA VAL B 200 -21.78 -16.96 31.19
C VAL B 200 -20.58 -16.77 31.99
N ARG B 201 -19.44 -16.40 31.42
CA ARG B 201 -18.15 -16.31 32.13
C ARG B 201 -17.68 -14.82 32.01
N GLU B 202 -17.16 -14.27 33.11
CA GLU B 202 -16.64 -12.89 33.05
C GLU B 202 -15.40 -12.81 33.90
N ASP B 203 -14.41 -12.05 33.43
CA ASP B 203 -13.23 -11.68 34.20
C ASP B 203 -13.03 -10.16 34.11
N SER B 204 -12.87 -9.46 35.26
CA SER B 204 -12.68 -7.99 35.25
C SER B 204 -11.36 -7.67 35.92
N TYR B 205 -10.52 -6.83 35.27
CA TYR B 205 -9.24 -6.52 35.73
C TYR B 205 -9.16 -5.02 36.04
N HIS B 206 -8.58 -4.65 37.18
CA HIS B 206 -8.49 -3.21 37.60
C HIS B 206 -7.24 -3.08 38.47
N TYR B 207 -6.13 -2.74 37.90
CA TYR B 207 -4.89 -2.63 38.72
C TYR B 207 -4.83 -1.24 39.35
N GLU B 208 -4.49 -1.15 40.64
CA GLU B 208 -4.51 0.18 41.35
C GLU B 208 -3.38 1.02 40.81
N GLY B 209 -3.71 2.29 40.57
CA GLY B 209 -2.82 3.28 40.01
C GLY B 209 -3.78 4.18 39.26
#